data_4QXA
#
_entry.id   4QXA
#
_cell.length_a   52.776
_cell.length_b   59.944
_cell.length_c   127.840
_cell.angle_alpha   90.000
_cell.angle_beta   90.000
_cell.angle_gamma   90.000
#
_symmetry.space_group_name_H-M   'P 21 21 21'
#
loop_
_entity.id
_entity.type
_entity.pdbx_description
1 polymer 'Ras-related protein Rab-9A'
2 polymer 'Small G protein signaling modulator 1'
3 non-polymer "GUANOSINE-5'-TRIPHOSPHATE"
4 non-polymer 'MAGNESIUM ION'
5 water water
#
loop_
_entity_poly.entity_id
_entity_poly.type
_entity_poly.pdbx_seq_one_letter_code
_entity_poly.pdbx_strand_id
1 'polypeptide(L)'
;MMAGKSSLFKIILLGDGGVGKSSLMNRYVTNKFDSQLFHTIGVEFLNKDLEVDGHFVTMQIWDTAGLERFRSLRTPFYRG
SDCCLLTFSVDDSQSFQNLSNWKKEFIYYADVKEPESFPFVILGNKTDIKERQVSTEEAQAWCKDNGDYPYFETSAKDST
NVAAAFEEAVRRILATEDRSEHLIQTDTVNLHRKPKPNSSLEHHHHHH
;
A
2 'polypeptide(L)'
;MAHHHHHHATLLYGKNNVLVQPRDDMEAVPGYLSLHQTADVMTLKWTPNQLMNGSVGDLDYEKSVYWDYAVTIRLEEIVY
LHCHQQVDSGGTVVLVSQDGIQRPPFRFPKGGHLLQFLSCLENGLLPHGQLDPPLWSQRGKGKVFPKLRKRSPQGSSEST
SSDKEDDEATDYVFRIIYPG
;
B
#
loop_
_chem_comp.id
_chem_comp.type
_chem_comp.name
_chem_comp.formula
GTP non-polymer GUANOSINE-5'-TRIPHOSPHATE 'C10 H16 N5 O14 P3'
MG non-polymer 'MAGNESIUM ION' 'Mg 2'
#
# COMPACT_ATOMS: atom_id res chain seq x y z
N SER A 7 12.50 16.00 -3.98
CA SER A 7 12.89 14.70 -3.42
C SER A 7 11.74 13.68 -3.48
N LEU A 8 11.49 13.05 -2.33
CA LEU A 8 10.47 12.01 -2.19
C LEU A 8 9.25 12.58 -1.44
N PHE A 9 8.10 12.59 -2.10
CA PHE A 9 6.91 13.22 -1.53
C PHE A 9 5.90 12.18 -1.07
N LYS A 10 5.83 11.97 0.25
CA LYS A 10 4.92 10.97 0.82
C LYS A 10 3.48 11.50 0.99
N ILE A 11 2.56 10.79 0.36
CA ILE A 11 1.15 11.13 0.33
C ILE A 11 0.35 9.94 0.89
N ILE A 12 -0.49 10.21 1.88
CA ILE A 12 -1.25 9.15 2.52
C ILE A 12 -2.76 9.28 2.31
N LEU A 13 -3.40 8.19 1.98
CA LEU A 13 -4.86 8.14 1.83
C LEU A 13 -5.55 7.66 3.11
N LEU A 14 -6.43 8.49 3.66
CA LEU A 14 -7.26 8.14 4.81
C LEU A 14 -8.73 8.32 4.45
N GLY A 15 -9.59 7.61 5.17
CA GLY A 15 -11.00 7.63 4.85
C GLY A 15 -11.69 6.34 5.24
N ASP A 16 -13.00 6.42 5.46
CA ASP A 16 -13.79 5.26 5.89
C ASP A 16 -13.57 4.06 4.99
N GLY A 17 -13.80 2.88 5.54
CA GLY A 17 -13.75 1.66 4.75
C GLY A 17 -14.71 1.78 3.58
N GLY A 18 -14.23 1.42 2.39
CA GLY A 18 -15.07 1.29 1.22
C GLY A 18 -15.26 2.57 0.42
N VAL A 19 -14.64 3.68 0.82
CA VAL A 19 -14.83 4.94 0.08
C VAL A 19 -14.07 4.99 -1.24
N GLY A 20 -13.09 4.09 -1.41
CA GLY A 20 -12.41 3.96 -2.67
C GLY A 20 -10.95 4.35 -2.64
N LYS A 21 -10.32 4.34 -1.46
CA LYS A 21 -8.88 4.67 -1.33
C LYS A 21 -7.97 3.78 -2.21
N SER A 22 -8.18 2.47 -2.14
CA SER A 22 -7.36 1.56 -2.92
C SER A 22 -7.62 1.70 -4.41
N SER A 23 -8.89 1.89 -4.75
CA SER A 23 -9.29 2.11 -6.13
C SER A 23 -8.65 3.38 -6.70
N LEU A 24 -8.57 4.42 -5.88
CA LEU A 24 -7.97 5.67 -6.34
C LEU A 24 -6.47 5.49 -6.65
N MET A 25 -5.73 4.89 -5.72
CA MET A 25 -4.32 4.61 -5.92
C MET A 25 -4.10 3.77 -7.17
N ASN A 26 -4.88 2.71 -7.34
CA ASN A 26 -4.72 1.83 -8.48
C ASN A 26 -5.12 2.47 -9.81
N ARG A 27 -6.12 3.34 -9.78
CA ARG A 27 -6.51 4.06 -11.00
C ARG A 27 -5.41 5.02 -11.43
N TYR A 28 -4.85 5.72 -10.45
CA TYR A 28 -3.83 6.73 -10.72
C TYR A 28 -2.51 6.08 -11.18
N VAL A 29 -2.13 5.00 -10.53
CA VAL A 29 -0.81 4.43 -10.77
C VAL A 29 -0.82 3.46 -11.95
N THR A 30 -1.88 2.68 -12.09
CA THR A 30 -1.90 1.58 -13.06
C THR A 30 -3.01 1.69 -14.08
N ASN A 31 -3.80 2.76 -14.00
CA ASN A 31 -4.92 3.00 -14.93
C ASN A 31 -5.90 1.83 -15.00
N LYS A 32 -6.08 1.15 -13.87
CA LYS A 32 -6.96 0.00 -13.83
C LYS A 32 -8.01 0.14 -12.72
N PHE A 33 -9.19 -0.46 -12.94
CA PHE A 33 -10.26 -0.45 -11.96
C PHE A 33 -10.82 -1.86 -11.73
N ASP A 34 -10.94 -2.22 -10.46
CA ASP A 34 -11.56 -3.49 -10.06
C ASP A 34 -12.82 -3.26 -9.21
N SER A 35 -13.91 -3.92 -9.57
CA SER A 35 -15.16 -3.73 -8.83
C SER A 35 -15.22 -4.51 -7.51
N GLN A 36 -14.24 -5.38 -7.29
CA GLN A 36 -14.31 -6.38 -6.22
C GLN A 36 -14.21 -5.83 -4.78
N LEU A 37 -14.88 -6.52 -3.85
CA LEU A 37 -14.92 -6.15 -2.44
C LEU A 37 -13.80 -6.76 -1.60
N PHE A 38 -12.88 -5.92 -1.14
CA PHE A 38 -11.88 -6.36 -0.18
C PHE A 38 -11.42 -5.20 0.69
N HIS A 39 -11.59 -5.37 1.99
CA HIS A 39 -11.10 -4.35 2.93
C HIS A 39 -9.60 -4.50 3.08
N THR A 40 -8.87 -3.43 2.86
CA THR A 40 -7.44 -3.41 3.09
C THR A 40 -7.17 -3.66 4.56
N ILE A 41 -6.24 -4.56 4.81
CA ILE A 41 -5.91 -4.87 6.17
C ILE A 41 -4.61 -4.15 6.47
N GLY A 42 -3.53 -4.66 5.89
CA GLY A 42 -2.24 -4.05 6.07
C GLY A 42 -2.01 -2.94 5.04
N VAL A 43 -1.15 -2.02 5.43
CA VAL A 43 -0.68 -0.92 4.59
C VAL A 43 0.10 -1.36 3.30
N GLU A 44 -0.01 -0.56 2.25
CA GLU A 44 0.71 -0.78 0.98
C GLU A 44 1.10 0.57 0.43
N PHE A 45 2.13 0.60 -0.42
CA PHE A 45 2.44 1.83 -1.15
C PHE A 45 2.94 1.56 -2.55
N LEU A 46 2.76 2.55 -3.43
CA LEU A 46 3.25 2.52 -4.80
C LEU A 46 3.98 3.80 -5.09
N ASN A 47 5.01 3.72 -5.93
CA ASN A 47 5.70 4.93 -6.38
C ASN A 47 5.22 5.39 -7.74
N LYS A 48 5.32 6.69 -7.95
CA LYS A 48 5.01 7.25 -9.24
C LYS A 48 5.79 8.54 -9.44
N ASP A 49 6.42 8.65 -10.60
CA ASP A 49 7.15 9.86 -10.94
C ASP A 49 6.29 10.73 -11.81
N LEU A 50 6.42 12.03 -11.65
CA LEU A 50 5.80 12.98 -12.54
C LEU A 50 6.45 14.32 -12.41
N GLU A 51 6.12 15.23 -13.32
CA GLU A 51 6.62 16.59 -13.26
C GLU A 51 5.48 17.54 -12.93
N VAL A 52 5.75 18.51 -12.06
CA VAL A 52 4.74 19.45 -11.64
C VAL A 52 5.34 20.84 -11.57
N ASP A 53 4.77 21.77 -12.34
CA ASP A 53 5.20 23.15 -12.36
C ASP A 53 6.71 23.21 -12.52
N GLY A 54 7.24 22.33 -13.37
CA GLY A 54 8.67 22.32 -13.63
C GLY A 54 9.49 21.63 -12.56
N HIS A 55 8.83 20.90 -11.66
CA HIS A 55 9.55 20.12 -10.67
C HIS A 55 9.37 18.64 -10.99
N PHE A 56 10.49 17.94 -11.15
CA PHE A 56 10.43 16.48 -11.32
C PHE A 56 10.51 15.79 -9.97
N VAL A 57 9.52 14.94 -9.72
CA VAL A 57 9.23 14.50 -8.37
C VAL A 57 8.92 13.00 -8.30
N THR A 58 9.34 12.37 -7.20
CA THR A 58 8.86 11.03 -6.93
C THR A 58 7.84 11.03 -5.80
N MET A 59 6.60 10.69 -6.12
CA MET A 59 5.62 10.55 -5.07
C MET A 59 5.49 9.09 -4.63
N GLN A 60 5.24 8.93 -3.33
CA GLN A 60 5.04 7.63 -2.77
C GLN A 60 3.67 7.66 -2.13
N ILE A 61 2.74 6.91 -2.72
CA ILE A 61 1.36 6.86 -2.26
C ILE A 61 1.07 5.74 -1.29
N TRP A 62 0.68 6.10 -0.07
CA TRP A 62 0.39 5.09 0.96
C TRP A 62 -1.10 4.83 1.10
N ASP A 63 -1.46 3.57 0.89
CA ASP A 63 -2.82 3.12 1.02
C ASP A 63 -3.00 2.50 2.41
N THR A 64 -4.15 2.75 3.04
CA THR A 64 -4.37 2.31 4.42
C THR A 64 -5.72 1.64 4.63
N ALA A 65 -5.86 0.98 5.76
CA ALA A 65 -7.14 0.42 6.14
C ALA A 65 -8.10 1.54 6.61
N GLY A 66 -9.30 1.58 6.06
CA GLY A 66 -10.33 2.49 6.49
C GLY A 66 -11.10 2.03 7.72
N LEU A 67 -11.21 0.72 7.94
CA LEU A 67 -12.00 0.19 9.06
C LEU A 67 -11.45 0.58 10.44
N GLU A 68 -12.35 1.02 11.31
CA GLU A 68 -11.98 1.40 12.68
C GLU A 68 -11.10 0.36 13.39
N ARG A 69 -11.45 -0.91 13.21
CA ARG A 69 -10.77 -2.01 13.88
C ARG A 69 -9.32 -2.21 13.41
N PHE A 70 -8.95 -1.62 12.27
CA PHE A 70 -7.62 -1.81 11.73
C PHE A 70 -6.73 -0.62 12.01
N ARG A 71 -7.16 0.22 12.94
CA ARG A 71 -6.48 1.48 13.21
C ARG A 71 -5.01 1.31 13.58
N SER A 72 -4.71 0.28 14.35
CA SER A 72 -3.34 0.08 14.79
C SER A 72 -2.44 -0.39 13.62
N LEU A 73 -3.04 -0.80 12.51
CA LEU A 73 -2.25 -1.21 11.36
C LEU A 73 -1.90 -0.04 10.45
N ARG A 74 -2.53 1.12 10.63
CA ARG A 74 -2.23 2.27 9.76
C ARG A 74 -1.46 3.42 10.45
N THR A 75 -1.82 3.70 11.71
CA THR A 75 -1.26 4.86 12.41
C THR A 75 0.27 4.97 12.53
N PRO A 76 1.00 3.84 12.61
CA PRO A 76 2.47 3.96 12.65
C PRO A 76 3.09 4.60 11.38
N PHE A 77 2.31 4.68 10.33
CA PHE A 77 2.78 5.17 9.05
C PHE A 77 2.31 6.59 8.73
N TYR A 78 1.62 7.24 9.67
CA TYR A 78 1.20 8.62 9.48
C TYR A 78 2.42 9.51 9.50
N ARG A 79 3.30 9.23 10.46
CA ARG A 79 4.51 10.03 10.64
C ARG A 79 5.34 10.13 9.34
N GLY A 80 5.92 11.31 9.09
CA GLY A 80 6.66 11.56 7.87
C GLY A 80 5.83 11.86 6.63
N SER A 81 4.49 11.78 6.70
CA SER A 81 3.65 12.11 5.55
C SER A 81 3.83 13.58 5.20
N ASP A 82 3.84 13.89 3.90
CA ASP A 82 3.93 15.28 3.46
C ASP A 82 2.56 15.88 3.13
N CYS A 83 1.63 15.05 2.68
CA CYS A 83 0.28 15.49 2.40
C CYS A 83 -0.68 14.37 2.73
N CYS A 84 -1.86 14.74 3.23
CA CYS A 84 -2.89 13.77 3.53
C CYS A 84 -4.08 13.96 2.60
N LEU A 85 -4.44 12.88 1.88
CA LEU A 85 -5.68 12.85 1.11
C LEU A 85 -6.81 12.23 1.93
N LEU A 86 -7.68 13.09 2.48
CA LEU A 86 -8.84 12.61 3.25
C LEU A 86 -9.96 12.28 2.27
N THR A 87 -10.46 11.07 2.32
CA THR A 87 -11.36 10.60 1.29
C THR A 87 -12.70 10.24 1.88
N PHE A 88 -13.76 10.63 1.18
CA PHE A 88 -15.09 10.13 1.50
C PHE A 88 -15.76 9.79 0.18
N SER A 89 -16.93 9.19 0.28
CA SER A 89 -17.70 8.82 -0.89
C SER A 89 -18.96 9.68 -0.90
N VAL A 90 -19.36 10.14 -2.07
CA VAL A 90 -20.49 11.05 -2.19
C VAL A 90 -21.83 10.33 -2.01
N ASP A 91 -21.80 9.01 -2.06
CA ASP A 91 -23.01 8.22 -1.82
C ASP A 91 -23.09 7.69 -0.39
N ASP A 92 -22.26 8.26 0.49
CA ASP A 92 -22.12 7.81 1.87
C ASP A 92 -21.96 8.98 2.86
N SER A 93 -23.07 9.49 3.39
CA SER A 93 -23.04 10.67 4.25
C SER A 93 -22.20 10.45 5.52
N GLN A 94 -22.25 9.24 6.05
CA GLN A 94 -21.46 8.90 7.22
C GLN A 94 -19.95 9.13 6.97
N SER A 95 -19.47 8.70 5.81
CA SER A 95 -18.05 8.85 5.49
C SER A 95 -17.70 10.32 5.40
N PHE A 96 -18.63 11.12 4.89
CA PHE A 96 -18.44 12.57 4.84
C PHE A 96 -18.41 13.15 6.25
N GLN A 97 -19.34 12.72 7.10
CA GLN A 97 -19.43 13.24 8.47
C GLN A 97 -18.21 12.89 9.31
N ASN A 98 -17.47 11.86 8.87
CA ASN A 98 -16.28 11.41 9.58
C ASN A 98 -14.99 12.19 9.27
N LEU A 99 -15.08 13.13 8.33
CA LEU A 99 -13.89 13.88 7.90
C LEU A 99 -13.13 14.53 9.05
N SER A 100 -13.85 15.23 9.92
CA SER A 100 -13.23 15.84 11.10
C SER A 100 -12.47 14.84 11.95
N ASN A 101 -13.09 13.70 12.23
CA ASN A 101 -12.45 12.68 13.03
C ASN A 101 -11.20 12.14 12.33
N TRP A 102 -11.26 12.02 11.01
CA TRP A 102 -10.09 11.61 10.24
C TRP A 102 -8.95 12.62 10.37
N LYS A 103 -9.29 13.91 10.25
CA LYS A 103 -8.28 14.94 10.38
C LYS A 103 -7.68 14.91 11.78
N LYS A 104 -8.53 14.71 12.79
CA LYS A 104 -8.08 14.68 14.18
C LYS A 104 -7.12 13.53 14.42
N GLU A 105 -7.47 12.38 13.84
CA GLU A 105 -6.71 11.17 14.03
C GLU A 105 -5.32 11.33 13.40
N PHE A 106 -5.27 11.88 12.18
CA PHE A 106 -3.99 12.11 11.51
C PHE A 106 -3.07 12.98 12.37
N ILE A 107 -3.60 14.11 12.84
CA ILE A 107 -2.82 15.05 13.62
C ILE A 107 -2.25 14.39 14.87
N TYR A 108 -3.11 13.62 15.54
CA TYR A 108 -2.73 12.96 16.78
C TYR A 108 -1.56 12.01 16.55
N TYR A 109 -1.71 11.11 15.60
CA TYR A 109 -0.66 10.11 15.35
C TYR A 109 0.55 10.59 14.52
N ALA A 110 0.36 11.54 13.61
CA ALA A 110 1.50 11.99 12.79
C ALA A 110 2.43 12.93 13.55
N ASP A 111 1.92 13.56 14.61
CA ASP A 111 2.69 14.54 15.35
C ASP A 111 3.40 15.52 14.41
N VAL A 112 2.60 16.41 13.81
CA VAL A 112 3.14 17.41 12.90
C VAL A 112 3.24 18.74 13.63
N LYS A 113 4.38 19.41 13.49
CA LYS A 113 4.63 20.65 14.23
C LYS A 113 3.54 21.70 14.02
N GLU A 114 3.12 21.90 12.77
CA GLU A 114 2.15 22.95 12.47
C GLU A 114 0.94 22.39 11.73
N PRO A 115 -0.04 21.91 12.50
CA PRO A 115 -1.24 21.21 12.04
C PRO A 115 -2.16 22.03 11.14
N GLU A 116 -2.22 23.35 11.34
CA GLU A 116 -3.10 24.16 10.51
C GLU A 116 -2.37 24.72 9.27
N SER A 117 -1.07 24.44 9.17
CA SER A 117 -0.33 24.69 7.93
C SER A 117 -0.25 23.43 7.05
N PHE A 118 -0.47 22.26 7.65
CA PHE A 118 -0.27 20.99 6.95
C PHE A 118 -1.26 20.79 5.79
N PRO A 119 -0.74 20.40 4.62
CA PRO A 119 -1.61 20.24 3.44
C PRO A 119 -2.53 19.02 3.48
N PHE A 120 -3.83 19.27 3.51
CA PHE A 120 -4.80 18.23 3.21
C PHE A 120 -5.41 18.48 1.84
N VAL A 121 -5.82 17.42 1.18
CA VAL A 121 -6.63 17.54 -0.02
C VAL A 121 -7.85 16.65 0.16
N ILE A 122 -9.03 17.16 -0.15
CA ILE A 122 -10.25 16.42 0.18
C ILE A 122 -10.85 15.82 -1.09
N LEU A 123 -11.16 14.52 -1.06
CA LEU A 123 -11.74 13.84 -2.23
C LEU A 123 -13.11 13.28 -1.91
N GLY A 124 -14.09 13.66 -2.72
CA GLY A 124 -15.42 13.06 -2.63
C GLY A 124 -15.49 12.10 -3.79
N ASN A 125 -15.28 10.81 -3.51
CA ASN A 125 -15.15 9.79 -4.55
C ASN A 125 -16.51 9.23 -4.96
N LYS A 126 -16.52 8.48 -6.07
CA LYS A 126 -17.72 7.80 -6.59
C LYS A 126 -18.73 8.76 -7.22
N THR A 127 -18.20 9.86 -7.74
CA THR A 127 -19.00 10.88 -8.39
C THR A 127 -19.83 10.32 -9.58
N ASP A 128 -19.45 9.15 -10.10
CA ASP A 128 -20.22 8.49 -11.16
C ASP A 128 -21.57 7.91 -10.68
N ILE A 129 -21.74 7.85 -9.37
CA ILE A 129 -22.98 7.35 -8.83
C ILE A 129 -23.97 8.49 -8.64
N LYS A 130 -25.10 8.41 -9.34
CA LYS A 130 -26.01 9.55 -9.43
C LYS A 130 -26.82 9.76 -8.13
N GLU A 131 -26.98 8.68 -7.36
CA GLU A 131 -27.78 8.72 -6.14
C GLU A 131 -26.90 9.15 -4.97
N ARG A 132 -26.78 10.45 -4.76
CA ARG A 132 -25.83 10.98 -3.79
C ARG A 132 -26.50 11.22 -2.45
N GLN A 133 -25.67 11.34 -1.41
CA GLN A 133 -26.12 11.66 -0.05
C GLN A 133 -25.45 12.92 0.43
N VAL A 134 -24.36 13.28 -0.25
CA VAL A 134 -23.61 14.49 0.05
C VAL A 134 -23.66 15.35 -1.21
N SER A 135 -24.00 16.63 -1.06
CA SER A 135 -24.00 17.55 -2.19
C SER A 135 -22.66 18.24 -2.29
N THR A 136 -22.34 18.72 -3.48
CA THR A 136 -21.07 19.41 -3.69
C THR A 136 -20.87 20.65 -2.83
N GLU A 137 -21.91 21.44 -2.68
CA GLU A 137 -21.81 22.71 -1.96
C GLU A 137 -21.54 22.44 -0.48
N GLU A 138 -22.21 21.41 0.05
CA GLU A 138 -22.03 20.97 1.42
C GLU A 138 -20.56 20.58 1.64
N ALA A 139 -20.02 19.81 0.70
CA ALA A 139 -18.63 19.39 0.81
C ALA A 139 -17.69 20.57 0.66
N GLN A 140 -18.02 21.48 -0.27
CA GLN A 140 -17.21 22.69 -0.46
C GLN A 140 -17.22 23.54 0.78
N ALA A 141 -18.39 23.63 1.41
CA ALA A 141 -18.54 24.41 2.61
C ALA A 141 -17.71 23.83 3.75
N TRP A 142 -17.75 22.51 3.94
CA TRP A 142 -16.89 21.89 4.96
C TRP A 142 -15.40 22.20 4.73
N CYS A 143 -14.95 22.05 3.49
CA CYS A 143 -13.54 22.27 3.17
C CYS A 143 -13.08 23.68 3.48
N LYS A 144 -13.93 24.66 3.21
CA LYS A 144 -13.59 26.06 3.47
C LYS A 144 -13.57 26.40 4.97
N ASP A 145 -14.47 25.78 5.73
CA ASP A 145 -14.60 26.11 7.15
C ASP A 145 -13.69 25.27 8.04
N ASN A 146 -12.79 24.49 7.44
CA ASN A 146 -11.91 23.63 8.21
C ASN A 146 -10.44 23.63 7.75
N GLY A 147 -10.05 24.71 7.07
CA GLY A 147 -8.66 24.91 6.69
C GLY A 147 -8.48 25.39 5.26
N ASP A 148 -9.60 25.58 4.56
CA ASP A 148 -9.60 26.06 3.20
C ASP A 148 -8.83 25.11 2.26
N TYR A 149 -9.15 23.82 2.32
CA TYR A 149 -8.44 22.79 1.55
C TYR A 149 -9.02 22.63 0.14
N PRO A 150 -8.18 22.18 -0.80
CA PRO A 150 -8.68 21.88 -2.14
C PRO A 150 -9.65 20.70 -2.10
N TYR A 151 -10.73 20.81 -2.85
CA TYR A 151 -11.73 19.76 -2.89
C TYR A 151 -11.84 19.21 -4.32
N PHE A 152 -11.87 17.89 -4.42
CA PHE A 152 -12.01 17.24 -5.71
C PHE A 152 -13.14 16.22 -5.64
N GLU A 153 -14.03 16.28 -6.62
CA GLU A 153 -15.01 15.24 -6.83
C GLU A 153 -14.40 14.28 -7.82
N THR A 154 -14.26 13.03 -7.40
CA THR A 154 -13.52 12.04 -8.17
C THR A 154 -14.31 10.77 -8.42
N SER A 155 -13.90 10.04 -9.43
CA SER A 155 -14.42 8.72 -9.67
C SER A 155 -13.26 7.85 -10.07
N ALA A 156 -12.86 6.94 -9.18
CA ALA A 156 -11.88 5.92 -9.57
C ALA A 156 -12.42 5.02 -10.70
N LYS A 157 -13.74 4.85 -10.76
CA LYS A 157 -14.31 3.98 -11.78
C LYS A 157 -14.15 4.55 -13.20
N ASP A 158 -14.37 5.86 -13.37
CA ASP A 158 -14.26 6.47 -14.69
C ASP A 158 -13.12 7.49 -14.89
N SER A 159 -12.27 7.65 -13.87
CA SER A 159 -11.02 8.46 -13.91
C SER A 159 -11.19 9.95 -13.59
N THR A 160 -12.42 10.41 -13.51
CA THR A 160 -12.71 11.82 -13.26
C THR A 160 -11.89 12.45 -12.13
N ASN A 161 -11.06 13.43 -12.50
CA ASN A 161 -10.26 14.24 -11.56
C ASN A 161 -9.24 13.49 -10.72
N VAL A 162 -9.01 12.23 -11.04
CA VAL A 162 -8.13 11.43 -10.23
C VAL A 162 -6.71 12.00 -10.34
N ALA A 163 -6.24 12.19 -11.57
CA ALA A 163 -4.90 12.75 -11.77
C ALA A 163 -4.79 14.19 -11.24
N ALA A 164 -5.80 15.00 -11.53
CA ALA A 164 -5.84 16.36 -11.00
C ALA A 164 -5.66 16.41 -9.48
N ALA A 165 -6.34 15.51 -8.76
CA ALA A 165 -6.26 15.48 -7.30
C ALA A 165 -4.85 15.18 -6.78
N PHE A 166 -4.21 14.14 -7.32
CA PHE A 166 -2.86 13.80 -6.93
C PHE A 166 -1.84 14.87 -7.25
N GLU A 167 -1.95 15.46 -8.45
CA GLU A 167 -1.11 16.58 -8.83
C GLU A 167 -1.25 17.80 -7.90
N GLU A 168 -2.48 18.13 -7.49
CA GLU A 168 -2.70 19.22 -6.55
C GLU A 168 -2.01 18.93 -5.21
N ALA A 169 -2.00 17.67 -4.81
CA ALA A 169 -1.31 17.25 -3.61
C ALA A 169 0.18 17.60 -3.67
N VAL A 170 0.81 17.26 -4.80
CA VAL A 170 2.21 17.64 -5.03
C VAL A 170 2.35 19.15 -5.02
N ARG A 171 1.42 19.84 -5.66
CA ARG A 171 1.45 21.28 -5.73
C ARG A 171 1.39 21.86 -4.30
N ARG A 172 0.56 21.26 -3.46
CA ARG A 172 0.40 21.74 -2.08
C ARG A 172 1.68 21.49 -1.29
N ILE A 173 2.32 20.38 -1.57
CA ILE A 173 3.56 20.06 -0.88
C ILE A 173 4.64 21.04 -1.28
N LEU A 174 4.76 21.25 -2.59
CA LEU A 174 5.70 22.25 -3.13
C LEU A 174 5.49 23.64 -2.52
N ALA A 175 4.23 24.01 -2.27
CA ALA A 175 3.95 25.31 -1.69
C ALA A 175 4.48 25.40 -0.26
N THR A 176 4.37 24.32 0.49
CA THR A 176 4.71 24.34 1.92
C THR A 176 6.22 24.30 2.21
N GLU A 177 7.02 23.97 1.20
CA GLU A 177 8.48 23.99 1.35
C GLU A 177 9.06 25.39 1.57
N ASP A 178 8.18 26.37 1.79
CA ASP A 178 8.58 27.76 2.01
C ASP A 178 8.12 28.25 3.38
N ALA B 9 13.28 0.27 13.05
CA ALA B 9 12.47 -0.71 12.33
C ALA B 9 11.51 -0.07 11.32
N THR B 10 11.80 -0.23 10.02
CA THR B 10 11.03 0.44 8.97
C THR B 10 10.46 -0.50 7.88
N LEU B 11 9.29 -0.16 7.36
CA LEU B 11 8.61 -0.99 6.36
C LEU B 11 8.99 -0.63 4.92
N LEU B 12 9.55 -1.60 4.20
CA LEU B 12 10.04 -1.35 2.84
C LEU B 12 9.05 -1.82 1.78
N TYR B 13 8.11 -2.66 2.19
CA TYR B 13 7.13 -3.25 1.29
C TYR B 13 6.02 -3.91 2.08
N GLY B 14 4.79 -3.82 1.58
CA GLY B 14 3.66 -4.46 2.22
C GLY B 14 2.67 -4.84 1.13
N LYS B 15 2.09 -6.04 1.21
CA LYS B 15 1.12 -6.46 0.20
C LYS B 15 0.07 -7.38 0.80
N ASN B 16 -1.20 -7.01 0.61
CA ASN B 16 -2.32 -7.83 1.10
C ASN B 16 -2.61 -8.96 0.15
N ASN B 17 -3.19 -10.02 0.69
CA ASN B 17 -3.73 -11.13 -0.10
C ASN B 17 -2.68 -11.86 -0.91
N VAL B 18 -1.51 -12.02 -0.30
CA VAL B 18 -0.50 -12.96 -0.77
C VAL B 18 -0.92 -14.31 -0.23
N LEU B 19 -1.15 -15.27 -1.13
CA LEU B 19 -1.63 -16.61 -0.76
C LEU B 19 -0.50 -17.57 -0.47
N VAL B 20 -0.67 -18.38 0.57
CA VAL B 20 0.13 -19.59 0.67
C VAL B 20 -0.69 -20.80 1.04
N GLN B 21 -0.30 -21.90 0.43
CA GLN B 21 -0.99 -23.15 0.55
C GLN B 21 -0.05 -24.06 1.32
N PRO B 22 -0.35 -24.29 2.60
CA PRO B 22 0.48 -25.21 3.40
C PRO B 22 0.58 -26.62 2.81
N ARG B 23 -0.52 -27.15 2.27
CA ARG B 23 -0.51 -28.45 1.58
C ARG B 23 -1.27 -28.30 0.28
N ASP B 24 -1.12 -29.26 -0.62
CA ASP B 24 -1.77 -29.14 -1.93
C ASP B 24 -3.24 -29.55 -1.91
N ASP B 25 -3.66 -30.22 -0.84
CA ASP B 25 -5.05 -30.65 -0.73
C ASP B 25 -5.93 -29.54 -0.18
N MET B 26 -5.36 -28.70 0.67
CA MET B 26 -6.10 -27.60 1.29
C MET B 26 -5.94 -26.30 0.52
N GLU B 27 -7.00 -25.51 0.48
CA GLU B 27 -7.02 -24.29 -0.32
C GLU B 27 -6.03 -23.23 0.21
N ALA B 28 -5.66 -22.29 -0.67
CA ALA B 28 -4.69 -21.28 -0.30
C ALA B 28 -5.21 -20.31 0.78
N VAL B 29 -4.32 -19.93 1.69
CA VAL B 29 -4.64 -19.00 2.76
C VAL B 29 -4.11 -17.61 2.44
N PRO B 30 -5.00 -16.60 2.43
CA PRO B 30 -4.59 -15.22 2.17
C PRO B 30 -3.96 -14.54 3.38
N GLY B 31 -2.96 -13.70 3.15
CA GLY B 31 -2.16 -13.14 4.22
C GLY B 31 -1.45 -11.89 3.77
N TYR B 32 -0.77 -11.23 4.71
CA TYR B 32 -0.07 -9.97 4.42
C TYR B 32 1.43 -10.20 4.37
N LEU B 33 2.05 -9.75 3.31
CA LEU B 33 3.48 -9.96 3.11
C LEU B 33 4.19 -8.65 3.36
N SER B 34 5.25 -8.68 4.15
CA SER B 34 5.96 -7.45 4.42
C SER B 34 7.47 -7.64 4.41
N LEU B 35 8.16 -6.57 4.07
CA LEU B 35 9.61 -6.48 4.13
C LEU B 35 9.95 -5.41 5.16
N HIS B 36 10.88 -5.70 6.05
CA HIS B 36 11.24 -4.77 7.10
C HIS B 36 12.76 -4.70 7.24
N GLN B 37 13.25 -3.50 7.53
CA GLN B 37 14.64 -3.29 7.83
C GLN B 37 14.77 -2.67 9.20
N THR B 38 15.54 -3.28 10.09
CA THR B 38 15.75 -2.67 11.41
C THR B 38 17.02 -1.86 11.45
N ALA B 39 18.12 -2.44 11.01
CA ALA B 39 19.35 -1.67 10.88
C ALA B 39 19.80 -1.78 9.44
N ASP B 40 20.60 -2.80 9.18
CA ASP B 40 20.97 -3.19 7.84
C ASP B 40 20.38 -4.58 7.59
N VAL B 41 19.73 -5.13 8.62
CA VAL B 41 19.13 -6.45 8.59
C VAL B 41 17.69 -6.41 8.07
N MET B 42 17.48 -6.99 6.88
CA MET B 42 16.13 -7.14 6.33
C MET B 42 15.49 -8.44 6.80
N THR B 43 14.18 -8.38 7.05
CA THR B 43 13.42 -9.56 7.42
C THR B 43 12.09 -9.58 6.66
N LEU B 44 11.75 -10.75 6.14
CA LEU B 44 10.52 -10.96 5.42
C LEU B 44 9.54 -11.61 6.36
N LYS B 45 8.31 -11.14 6.35
CA LYS B 45 7.26 -11.73 7.16
C LYS B 45 6.04 -12.01 6.30
N TRP B 46 5.37 -13.11 6.58
CA TRP B 46 4.05 -13.35 6.04
C TRP B 46 3.11 -13.80 7.17
N THR B 47 1.93 -13.20 7.24
CA THR B 47 1.02 -13.43 8.35
C THR B 47 -0.37 -13.67 7.81
N PRO B 48 -0.98 -14.83 8.14
CA PRO B 48 -2.35 -15.11 7.71
C PRO B 48 -3.34 -14.00 8.13
N ASN B 49 -4.31 -13.70 7.28
CA ASN B 49 -5.25 -12.62 7.59
C ASN B 49 -5.99 -12.72 8.94
N GLN B 50 -6.36 -13.93 9.36
CA GLN B 50 -7.10 -14.07 10.61
C GLN B 50 -6.31 -13.63 11.87
N LEU B 51 -4.99 -13.58 11.77
CA LEU B 51 -4.18 -13.12 12.88
C LEU B 51 -3.99 -11.61 12.91
N MET B 52 -4.32 -10.95 11.80
CA MET B 52 -4.15 -9.52 11.68
C MET B 52 -5.46 -8.84 11.97
N ASN B 53 -6.52 -9.47 11.50
CA ASN B 53 -7.82 -8.84 11.43
C ASN B 53 -8.62 -8.89 12.73
N GLY B 54 -8.02 -9.45 13.78
CA GLY B 54 -8.60 -9.46 15.11
C GLY B 54 -9.77 -10.41 15.27
N SER B 55 -9.87 -11.38 14.36
CA SER B 55 -10.99 -12.30 14.35
C SER B 55 -10.73 -13.66 15.02
N VAL B 56 -10.02 -13.69 16.15
CA VAL B 56 -9.83 -14.94 16.88
C VAL B 56 -10.27 -14.87 18.35
N GLY B 57 -10.37 -13.66 18.88
CA GLY B 57 -10.75 -13.49 20.26
C GLY B 57 -9.54 -13.53 21.17
N ASP B 58 -9.59 -12.73 22.23
CA ASP B 58 -8.48 -12.57 23.16
C ASP B 58 -7.93 -13.89 23.68
N LEU B 59 -8.85 -14.78 24.06
CA LEU B 59 -8.51 -16.02 24.76
C LEU B 59 -7.86 -17.08 23.87
N ASP B 60 -8.10 -16.99 22.57
CA ASP B 60 -7.59 -17.98 21.62
C ASP B 60 -6.37 -17.45 20.87
N TYR B 61 -6.18 -16.14 20.95
CA TYR B 61 -5.17 -15.43 20.16
C TYR B 61 -3.75 -15.99 20.28
N GLU B 62 -3.38 -16.41 21.49
CA GLU B 62 -2.01 -16.87 21.74
C GLU B 62 -1.71 -18.23 21.10
N LYS B 63 -2.72 -19.10 21.09
CA LYS B 63 -2.56 -20.41 20.46
C LYS B 63 -3.65 -20.64 19.43
N SER B 64 -3.49 -19.96 18.31
CA SER B 64 -4.36 -20.12 17.15
C SER B 64 -3.64 -21.02 16.15
N VAL B 65 -4.40 -21.83 15.40
CA VAL B 65 -3.83 -22.74 14.41
C VAL B 65 -3.01 -21.99 13.35
N TYR B 66 -3.41 -20.75 13.10
CA TYR B 66 -2.81 -19.90 12.09
C TYR B 66 -1.40 -19.46 12.45
N TRP B 67 -1.06 -19.45 13.74
CA TRP B 67 0.31 -19.14 14.13
C TRP B 67 1.30 -20.18 13.57
N ASP B 68 0.81 -21.37 13.22
CA ASP B 68 1.65 -22.43 12.65
C ASP B 68 1.98 -22.12 11.19
N TYR B 69 1.30 -21.13 10.63
CA TYR B 69 1.49 -20.75 9.23
C TYR B 69 2.28 -19.46 9.04
N ALA B 70 2.45 -18.68 10.11
CA ALA B 70 3.15 -17.41 10.00
C ALA B 70 4.61 -17.67 9.68
N VAL B 71 5.18 -16.88 8.77
CA VAL B 71 6.61 -17.00 8.48
C VAL B 71 7.34 -15.69 8.74
N THR B 72 8.54 -15.80 9.28
CA THR B 72 9.46 -14.67 9.30
C THR B 72 10.86 -15.18 9.00
N ILE B 73 11.50 -14.55 8.01
CA ILE B 73 12.77 -15.00 7.48
C ILE B 73 13.74 -13.83 7.38
N ARG B 74 14.96 -14.02 7.88
CA ARG B 74 15.98 -13.01 7.65
C ARG B 74 16.51 -13.18 6.24
N LEU B 75 16.65 -12.08 5.52
CA LEU B 75 16.99 -12.14 4.11
C LEU B 75 18.36 -12.72 3.85
N GLU B 76 19.24 -12.66 4.84
CA GLU B 76 20.60 -13.20 4.72
C GLU B 76 20.62 -14.73 4.70
N GLU B 77 19.53 -15.34 5.16
CA GLU B 77 19.37 -16.79 5.06
C GLU B 77 18.95 -17.21 3.64
N ILE B 78 18.60 -16.25 2.80
CA ILE B 78 18.10 -16.54 1.44
C ILE B 78 19.23 -16.45 0.43
N VAL B 79 19.40 -17.51 -0.35
CA VAL B 79 20.35 -17.46 -1.45
C VAL B 79 19.66 -17.27 -2.80
N TYR B 80 18.51 -17.89 -3.02
CA TYR B 80 17.81 -17.76 -4.30
C TYR B 80 16.35 -17.32 -4.16
N LEU B 81 15.90 -16.53 -5.14
CA LEU B 81 14.48 -16.28 -5.34
C LEU B 81 14.11 -16.87 -6.69
N HIS B 82 13.20 -17.82 -6.68
CA HIS B 82 12.81 -18.48 -7.90
C HIS B 82 11.38 -18.05 -8.14
N CYS B 83 11.24 -17.11 -9.08
CA CYS B 83 9.97 -16.46 -9.36
C CYS B 83 9.36 -16.97 -10.64
N HIS B 84 8.04 -16.89 -10.71
CA HIS B 84 7.33 -17.41 -11.85
C HIS B 84 6.10 -16.54 -12.12
N GLN B 85 6.07 -15.96 -13.30
CA GLN B 85 5.04 -15.00 -13.66
C GLN B 85 4.29 -15.48 -14.89
N GLN B 86 3.12 -16.07 -14.68
CA GLN B 86 2.27 -16.46 -15.81
C GLN B 86 1.41 -15.29 -16.26
N VAL B 87 1.12 -15.23 -17.56
CA VAL B 87 0.32 -14.15 -18.11
C VAL B 87 -1.13 -14.28 -17.60
N ASP B 88 -1.76 -13.14 -17.37
CA ASP B 88 -3.13 -13.10 -16.84
C ASP B 88 -3.20 -13.88 -15.54
N SER B 89 -2.23 -13.60 -14.65
CA SER B 89 -2.14 -14.31 -13.39
C SER B 89 -1.28 -13.54 -12.39
N GLY B 90 -1.14 -14.10 -11.19
CA GLY B 90 -0.28 -13.55 -10.16
C GLY B 90 1.06 -14.28 -10.14
N GLY B 91 2.14 -13.54 -9.93
CA GLY B 91 3.44 -14.16 -9.80
C GLY B 91 3.57 -14.98 -8.53
N THR B 92 4.36 -16.04 -8.60
CA THR B 92 4.80 -16.80 -7.44
C THR B 92 6.29 -16.62 -7.19
N VAL B 93 6.69 -16.60 -5.93
CA VAL B 93 8.09 -16.70 -5.60
C VAL B 93 8.35 -17.74 -4.50
N VAL B 94 9.41 -18.51 -4.70
CA VAL B 94 9.88 -19.49 -3.76
C VAL B 94 11.21 -18.95 -3.23
N LEU B 95 11.32 -18.82 -1.92
CA LEU B 95 12.62 -18.44 -1.36
C LEU B 95 13.39 -19.73 -1.09
N VAL B 96 14.60 -19.80 -1.60
CA VAL B 96 15.45 -20.94 -1.37
C VAL B 96 16.47 -20.56 -0.32
N SER B 97 16.48 -21.30 0.78
CA SER B 97 17.28 -20.92 1.93
C SER B 97 18.56 -21.72 2.01
N GLN B 98 19.56 -21.16 2.67
CA GLN B 98 20.84 -21.82 2.84
C GLN B 98 20.72 -23.15 3.59
N ASP B 99 19.64 -23.30 4.36
CA ASP B 99 19.44 -24.49 5.18
C ASP B 99 18.81 -25.68 4.42
N GLY B 100 18.37 -25.43 3.19
CA GLY B 100 17.71 -26.47 2.40
C GLY B 100 16.22 -26.75 2.71
N ILE B 101 15.66 -26.08 3.72
CA ILE B 101 14.25 -26.24 4.09
C ILE B 101 13.27 -25.90 2.95
N GLN B 102 12.41 -26.84 2.58
CA GLN B 102 11.37 -26.55 1.59
C GLN B 102 10.30 -25.60 2.15
N ARG B 103 10.12 -24.47 1.47
CA ARG B 103 9.11 -23.47 1.84
C ARG B 103 8.07 -23.39 0.74
N PRO B 104 6.81 -23.18 1.13
CA PRO B 104 5.75 -23.08 0.13
C PRO B 104 5.91 -21.78 -0.62
N PRO B 105 5.60 -21.78 -1.92
CA PRO B 105 5.58 -20.52 -2.68
C PRO B 105 4.61 -19.48 -2.10
N PHE B 106 4.99 -18.21 -2.20
CA PHE B 106 4.05 -17.10 -2.05
C PHE B 106 3.43 -16.76 -3.40
N ARG B 107 2.11 -16.67 -3.47
CA ARG B 107 1.46 -16.25 -4.70
C ARG B 107 0.87 -14.85 -4.57
N PHE B 108 1.32 -13.94 -5.44
CA PHE B 108 0.80 -12.58 -5.47
C PHE B 108 -0.54 -12.51 -6.18
N PRO B 109 -1.31 -11.44 -5.90
CA PRO B 109 -2.54 -11.19 -6.66
C PRO B 109 -2.20 -10.74 -8.07
N LYS B 110 -3.14 -10.89 -9.00
CA LYS B 110 -2.98 -10.40 -10.37
C LYS B 110 -2.43 -8.98 -10.39
N GLY B 111 -1.57 -8.72 -11.38
CA GLY B 111 -0.93 -7.42 -11.52
C GLY B 111 0.58 -7.53 -11.53
N GLY B 112 1.24 -6.39 -11.32
CA GLY B 112 2.69 -6.35 -11.34
C GLY B 112 3.28 -6.32 -9.94
N HIS B 113 2.64 -7.04 -9.04
CA HIS B 113 3.08 -7.04 -7.64
C HIS B 113 4.41 -7.76 -7.44
N LEU B 114 4.56 -8.90 -8.12
CA LEU B 114 5.82 -9.63 -8.11
C LEU B 114 7.01 -8.70 -8.40
N LEU B 115 6.97 -8.00 -9.52
CA LEU B 115 8.06 -7.09 -9.87
C LEU B 115 8.27 -5.98 -8.85
N GLN B 116 7.16 -5.42 -8.35
CA GLN B 116 7.22 -4.39 -7.33
C GLN B 116 7.94 -4.89 -6.08
N PHE B 117 7.58 -6.09 -5.64
CA PHE B 117 8.25 -6.71 -4.50
C PHE B 117 9.76 -6.91 -4.80
N LEU B 118 10.06 -7.49 -5.96
CA LEU B 118 11.47 -7.62 -6.34
C LEU B 118 12.18 -6.27 -6.33
N SER B 119 11.48 -5.22 -6.76
CA SER B 119 12.08 -3.89 -6.81
C SER B 119 12.37 -3.29 -5.42
N CYS B 120 11.40 -3.39 -4.51
CA CYS B 120 11.63 -2.92 -3.14
C CYS B 120 12.68 -3.77 -2.40
N LEU B 121 12.65 -5.08 -2.62
CA LEU B 121 13.73 -5.96 -2.16
C LEU B 121 15.09 -5.44 -2.64
N GLU B 122 15.23 -5.19 -3.94
CA GLU B 122 16.47 -4.63 -4.48
C GLU B 122 16.83 -3.28 -3.83
N ASN B 123 15.88 -2.36 -3.79
CA ASN B 123 16.17 -1.03 -3.28
C ASN B 123 16.67 -1.05 -1.83
N GLY B 124 16.24 -2.08 -1.09
CA GLY B 124 16.57 -2.20 0.31
C GLY B 124 17.89 -2.92 0.61
N LEU B 125 18.27 -3.84 -0.27
CA LEU B 125 19.51 -4.59 -0.07
C LEU B 125 20.70 -3.64 -0.17
N LEU B 126 20.58 -2.65 -1.04
CA LEU B 126 21.62 -1.65 -1.24
C LEU B 126 21.92 -0.91 0.07
N PRO B 127 23.18 -0.45 0.23
CA PRO B 127 24.26 -0.59 -0.75
C PRO B 127 25.12 -1.85 -0.54
N HIS B 128 24.92 -2.55 0.57
CA HIS B 128 25.75 -3.70 0.89
C HIS B 128 25.38 -4.95 0.11
N GLY B 129 24.12 -5.05 -0.29
CA GLY B 129 23.66 -6.18 -1.07
C GLY B 129 22.94 -5.81 -2.36
N GLN B 130 22.68 -6.81 -3.19
CA GLN B 130 21.91 -6.62 -4.42
C GLN B 130 21.46 -7.94 -5.03
N LEU B 131 20.48 -7.87 -5.94
CA LEU B 131 20.05 -9.00 -6.75
C LEU B 131 20.99 -9.26 -7.95
N ASP B 132 21.19 -10.54 -8.25
CA ASP B 132 22.02 -10.94 -9.39
C ASP B 132 21.24 -11.94 -10.24
N PRO B 133 21.03 -11.62 -11.53
CA PRO B 133 21.43 -10.40 -12.23
C PRO B 133 20.55 -9.24 -11.82
N PRO B 134 20.98 -8.00 -12.09
CA PRO B 134 20.17 -6.85 -11.66
C PRO B 134 18.84 -6.77 -12.40
N LEU B 135 17.82 -6.27 -11.70
CA LEU B 135 16.48 -6.09 -12.26
C LEU B 135 16.49 -5.26 -13.54
N TRP B 136 17.31 -4.22 -13.55
CA TRP B 136 17.46 -3.37 -14.74
C TRP B 136 18.24 -4.00 -15.92
N SER B 137 18.85 -5.16 -15.71
CA SER B 137 19.68 -5.73 -16.78
C SER B 137 18.87 -6.57 -17.74
N GLN B 138 19.42 -6.78 -18.92
CA GLN B 138 18.83 -7.65 -19.93
C GLN B 138 18.51 -9.04 -19.35
N ARG B 139 19.43 -9.63 -18.60
CA ARG B 139 19.16 -10.92 -17.93
C ARG B 139 18.05 -10.79 -16.88
N GLY B 140 17.96 -9.61 -16.26
CA GLY B 140 17.01 -9.36 -15.20
C GLY B 140 15.54 -9.38 -15.57
N LYS B 141 15.24 -9.47 -16.86
CA LYS B 141 13.84 -9.52 -17.30
C LYS B 141 13.35 -10.95 -17.55
N GLY B 142 14.09 -11.93 -17.03
CA GLY B 142 13.65 -13.32 -17.06
C GLY B 142 13.75 -13.97 -18.42
N LYS B 143 13.25 -15.21 -18.51
CA LYS B 143 13.25 -15.95 -19.76
C LYS B 143 11.91 -16.65 -19.96
N VAL B 144 11.44 -16.67 -21.21
CA VAL B 144 10.12 -17.25 -21.53
C VAL B 144 10.22 -18.69 -22.03
N ALA B 169 4.59 -17.74 -20.72
CA ALA B 169 4.99 -17.75 -19.31
C ALA B 169 6.31 -16.99 -19.13
N THR B 170 6.71 -16.78 -17.88
CA THR B 170 8.01 -16.15 -17.58
C THR B 170 8.61 -16.69 -16.27
N ASP B 171 9.93 -16.87 -16.26
CA ASP B 171 10.61 -17.48 -15.14
C ASP B 171 11.84 -16.69 -14.74
N TYR B 172 11.94 -16.37 -13.45
CA TYR B 172 13.08 -15.62 -12.94
C TYR B 172 13.83 -16.46 -11.90
N VAL B 173 15.16 -16.40 -11.94
CA VAL B 173 15.97 -16.82 -10.80
C VAL B 173 16.90 -15.70 -10.37
N PHE B 174 16.78 -15.25 -9.14
CA PHE B 174 17.71 -14.23 -8.65
C PHE B 174 18.53 -14.76 -7.47
N ARG B 175 19.78 -14.34 -7.43
CA ARG B 175 20.63 -14.60 -6.29
C ARG B 175 20.80 -13.29 -5.50
N ILE B 176 20.89 -13.38 -4.18
CA ILE B 176 21.21 -12.22 -3.38
C ILE B 176 22.70 -12.19 -3.16
N ILE B 177 23.32 -11.05 -3.45
CA ILE B 177 24.76 -10.94 -3.54
C ILE B 177 25.25 -9.84 -2.58
N TYR B 178 26.41 -10.04 -1.98
CA TYR B 178 27.06 -8.98 -1.20
C TYR B 178 28.48 -8.82 -1.69
N PRO B 179 28.76 -7.71 -2.40
CA PRO B 179 30.06 -7.40 -3.00
C PRO B 179 31.21 -7.38 -1.98
PG GTP C . -11.02 -0.15 2.66
O1G GTP C . -9.95 -1.09 2.27
O2G GTP C . -10.44 0.96 3.52
O3G GTP C . -12.00 -0.99 3.48
O3B GTP C . -11.80 0.41 1.38
PB GTP C . -11.32 1.42 0.22
O1B GTP C . -11.38 2.86 0.61
O2B GTP C . -10.03 1.16 -0.44
O3A GTP C . -12.44 1.12 -0.92
PA GTP C . -12.04 0.27 -2.25
O1A GTP C . -11.04 1.04 -3.09
O2A GTP C . -11.54 -1.12 -1.92
O5' GTP C . -13.43 0.19 -3.02
C5' GTP C . -14.67 0.02 -2.37
C4' GTP C . -15.72 -0.53 -3.33
O4' GTP C . -16.21 0.60 -4.03
C3' GTP C . -15.17 -1.47 -4.39
O3' GTP C . -16.23 -2.31 -4.79
C2' GTP C . -14.81 -0.53 -5.54
O2' GTP C . -14.84 -1.16 -6.79
C1' GTP C . -15.89 0.52 -5.41
N9 GTP C . -15.44 1.83 -5.90
C8 GTP C . -14.26 2.49 -5.61
N7 GTP C . -14.26 3.66 -6.28
C5 GTP C . -15.43 3.77 -6.97
C6 GTP C . -15.94 4.75 -7.81
O6 GTP C . -15.28 5.77 -8.04
N1 GTP C . -17.18 4.56 -8.40
C2 GTP C . -17.91 3.40 -8.14
N2 GTP C . -19.11 3.21 -8.71
N3 GTP C . -17.39 2.44 -7.31
C4 GTP C . -16.17 2.61 -6.74
MG MG D . -8.47 -0.37 0.53
#